data_6GRE
#
_entry.id   6GRE
#
_cell.length_a   41.760
_cell.length_b   47.970
_cell.length_c   62.190
_cell.angle_alpha   97.70
_cell.angle_beta   102.72
_cell.angle_gamma   99.86
#
_symmetry.space_group_name_H-M   'P 1'
#
loop_
_entity.id
_entity.type
_entity.pdbx_description
1 polymer 'Cysteine-rich repeat secretory protein 2'
2 branched 2-acetamido-2-deoxy-beta-D-glucopyranose-(1-4)-2-acetamido-2-deoxy-beta-D-glucopyranose
3 non-polymer 2-acetamido-2-deoxy-beta-D-glucopyranose
4 non-polymer 1,2-ETHANEDIOL
5 non-polymer 'SODIUM ION'
6 non-polymer 'SULFATE ION'
7 non-polymer GLYCEROL
8 non-polymer 2-(2-ETHOXYETHOXY)ETHANOL
9 water water
#
_entity_poly.entity_id   1
_entity_poly.type   'polypeptide(L)'
_entity_poly.pdbx_seq_one_letter_code
;MGSPTDNYIYAVCSPAKFSPSSGYETNLNSLLSSFVTSTAQTRYANFTVPTGKPEPTVTVYGIYQCRGDLDPTACSTCVS
SAVAQVGALCSNSYSGFLQMENCLIRYDNKSFLGVQDKTLILNKCGQPMEFNDQDALTKASDVIGSLGTGDGSYRTGGNG
NVQGVAQCSGDLSTSQCQDCLSDAIGRLKSDCGMAQGGYVYLSKCYARFSVGGSHARQLEGSENLYFQ
;
_entity_poly.pdbx_strand_id   A,B
#
loop_
_chem_comp.id
_chem_comp.type
_chem_comp.name
_chem_comp.formula
AE3 non-polymer 2-(2-ETHOXYETHOXY)ETHANOL 'C6 H14 O3'
EDO non-polymer 1,2-ETHANEDIOL 'C2 H6 O2'
GOL non-polymer GLYCEROL 'C3 H8 O3'
NA non-polymer 'SODIUM ION' 'Na 1'
NAG D-saccharide, beta linking 2-acetamido-2-deoxy-beta-D-glucopyranose 'C8 H15 N O6'
SO4 non-polymer 'SULFATE ION' 'O4 S -2'
#
# COMPACT_ATOMS: atom_id res chain seq x y z
N ASN A 7 -10.40 -6.43 -7.83
CA ASN A 7 -10.44 -5.94 -9.25
C ASN A 7 -10.07 -4.45 -9.32
N TYR A 8 -9.44 -3.92 -8.26
CA TYR A 8 -8.97 -2.55 -8.26
C TYR A 8 -7.75 -2.42 -7.34
N ILE A 9 -7.03 -1.32 -7.48
CA ILE A 9 -5.83 -1.10 -6.68
C ILE A 9 -6.14 -0.22 -5.49
N TYR A 10 -6.82 0.93 -5.69
CA TYR A 10 -7.24 1.75 -4.59
C TYR A 10 -8.44 2.56 -5.04
N ALA A 11 -9.22 2.97 -4.04
CA ALA A 11 -10.32 3.89 -4.20
C ALA A 11 -10.14 5.00 -3.16
N VAL A 12 -10.29 6.25 -3.58
CA VAL A 12 -10.31 7.36 -2.68
C VAL A 12 -11.70 8.02 -2.81
N CYS A 13 -12.38 8.19 -1.67
CA CYS A 13 -13.79 8.65 -1.60
C CYS A 13 -13.88 9.77 -0.54
N SER A 14 -14.36 10.95 -0.90
CA SER A 14 -14.44 12.10 0.04
C SER A 14 -15.37 11.78 1.20
N PRO A 15 -15.03 12.19 2.46
CA PRO A 15 -16.01 12.21 3.54
C PRO A 15 -17.32 12.92 3.21
N ALA A 16 -17.22 14.06 2.52
CA ALA A 16 -18.38 14.85 2.14
C ALA A 16 -19.22 14.09 1.11
N LYS A 17 -20.54 14.07 1.36
CA LYS A 17 -21.53 13.33 0.55
C LYS A 17 -22.55 14.30 -0.06
N PHE A 18 -23.02 13.94 -1.26
CA PHE A 18 -24.09 14.66 -1.94
C PHE A 18 -25.42 14.09 -1.46
N SER A 19 -26.51 14.80 -1.73
CA SER A 19 -27.81 14.40 -1.21
C SER A 19 -28.46 13.40 -2.16
N PRO A 20 -29.30 12.48 -1.63
CA PRO A 20 -29.96 11.46 -2.45
C PRO A 20 -30.85 12.05 -3.55
N SER A 21 -30.65 11.56 -4.78
CA SER A 21 -31.39 11.95 -5.94
C SER A 21 -31.23 13.45 -6.25
N SER A 22 -30.12 14.03 -5.78
CA SER A 22 -29.75 15.40 -6.07
C SER A 22 -29.23 15.50 -7.50
N GLY A 23 -29.16 16.73 -8.00
CA GLY A 23 -28.63 16.97 -9.29
C GLY A 23 -27.19 16.44 -9.41
N TYR A 24 -26.40 16.64 -8.36
CA TYR A 24 -25.00 16.14 -8.37
C TYR A 24 -25.00 14.64 -8.66
N GLU A 25 -25.79 13.86 -7.92
CA GLU A 25 -25.85 12.40 -8.10
C GLU A 25 -26.23 12.10 -9.56
N THR A 26 -27.26 12.76 -10.08
CA THR A 26 -27.72 12.50 -11.41
C THR A 26 -26.65 12.87 -12.44
N ASN A 27 -25.99 14.01 -12.24
CA ASN A 27 -24.94 14.46 -13.15
C ASN A 27 -23.72 13.51 -13.11
N LEU A 28 -23.39 13.05 -11.91
CA LEU A 28 -22.30 12.07 -11.72
C LEU A 28 -22.59 10.81 -12.54
N ASN A 29 -23.81 10.28 -12.42
CA ASN A 29 -24.14 9.06 -13.13
C ASN A 29 -24.07 9.29 -14.63
N SER A 30 -24.50 10.47 -15.09
CA SER A 30 -24.38 10.81 -16.51
CA SER A 30 -24.39 10.81 -16.50
C SER A 30 -22.91 10.91 -16.90
N LEU A 31 -22.09 11.53 -16.04
CA LEU A 31 -20.64 11.68 -16.31
C LEU A 31 -20.01 10.31 -16.53
N LEU A 32 -20.30 9.39 -15.61
CA LEU A 32 -19.67 8.06 -15.62
C LEU A 32 -20.06 7.27 -16.88
N SER A 33 -21.33 7.36 -17.30
CA SER A 33 -21.79 6.71 -18.53
CA SER A 33 -21.75 6.67 -18.52
CA SER A 33 -21.79 6.71 -18.53
C SER A 33 -21.05 7.29 -19.74
N SER A 34 -20.78 8.59 -19.69
CA SER A 34 -20.05 9.29 -20.75
C SER A 34 -18.61 8.78 -20.87
N PHE A 35 -17.98 8.49 -19.72
CA PHE A 35 -16.62 7.93 -19.72
C PHE A 35 -16.61 6.67 -20.56
N VAL A 36 -17.55 5.76 -20.29
CA VAL A 36 -17.62 4.49 -20.97
C VAL A 36 -17.74 4.71 -22.49
N THR A 37 -18.69 5.57 -22.90
CA THR A 37 -18.90 5.92 -24.29
C THR A 37 -17.63 6.40 -24.98
N SER A 38 -16.90 7.29 -24.30
CA SER A 38 -15.74 7.98 -24.84
C SER A 38 -14.57 7.03 -25.14
N THR A 39 -14.52 5.87 -24.48
CA THR A 39 -13.39 4.94 -24.62
C THR A 39 -13.30 4.39 -26.06
N ALA A 40 -14.40 4.50 -26.82
CA ALA A 40 -14.40 4.10 -28.22
C ALA A 40 -13.46 4.99 -29.04
N GLN A 41 -13.28 6.25 -28.62
CA GLN A 41 -12.54 7.26 -29.39
C GLN A 41 -11.13 7.51 -28.84
N THR A 42 -10.94 7.44 -27.51
CA THR A 42 -9.72 7.96 -26.91
C THR A 42 -9.47 7.31 -25.55
N ARG A 43 -8.18 7.24 -25.20
CA ARG A 43 -7.78 6.64 -23.93
C ARG A 43 -7.83 7.64 -22.78
N TYR A 44 -8.02 8.93 -23.06
CA TYR A 44 -8.11 9.93 -22.03
C TYR A 44 -9.11 10.99 -22.48
N ALA A 45 -9.97 11.42 -21.57
CA ALA A 45 -10.86 12.54 -21.81
C ALA A 45 -11.27 13.17 -20.48
N ASN A 46 -11.60 14.47 -20.52
CA ASN A 46 -12.10 15.19 -19.37
C ASN A 46 -13.48 15.71 -19.73
N PHE A 47 -14.38 15.72 -18.75
CA PHE A 47 -15.79 16.07 -18.95
CA PHE A 47 -15.74 16.19 -19.01
C PHE A 47 -16.25 16.95 -17.80
N THR A 48 -17.21 17.85 -18.08
CA THR A 48 -17.97 18.57 -17.09
C THR A 48 -19.45 18.28 -17.36
N VAL A 49 -20.22 17.99 -16.31
CA VAL A 49 -21.68 17.82 -16.40
C VAL A 49 -22.34 18.65 -15.32
N PRO A 50 -23.26 19.57 -15.69
CA PRO A 50 -23.67 19.81 -17.06
C PRO A 50 -22.60 20.54 -17.91
N THR A 51 -22.72 20.43 -19.24
CA THR A 51 -21.89 21.19 -20.19
C THR A 51 -22.44 22.61 -20.29
N GLY A 52 -21.55 23.60 -20.17
CA GLY A 52 -21.93 25.01 -20.07
C GLY A 52 -21.37 25.65 -18.81
N LYS A 53 -21.99 26.75 -18.36
CA LYS A 53 -21.53 27.49 -17.18
C LYS A 53 -21.65 26.59 -15.96
N PRO A 54 -20.67 26.59 -15.04
CA PRO A 54 -20.80 25.83 -13.79
C PRO A 54 -22.09 26.22 -13.09
N GLU A 55 -22.78 25.23 -12.53
CA GLU A 55 -23.95 25.47 -11.75
C GLU A 55 -23.61 25.22 -10.30
N PRO A 56 -24.08 26.07 -9.38
CA PRO A 56 -23.83 25.84 -7.97
C PRO A 56 -24.23 24.42 -7.56
N THR A 57 -23.32 23.74 -6.85
CA THR A 57 -23.55 22.50 -6.11
C THR A 57 -23.54 21.25 -7.02
N VAL A 58 -24.17 21.32 -8.20
CA VAL A 58 -24.56 20.10 -8.95
C VAL A 58 -23.55 19.73 -10.04
N THR A 59 -22.61 20.64 -10.34
CA THR A 59 -21.68 20.43 -11.45
C THR A 59 -20.61 19.41 -11.03
N VAL A 60 -20.38 18.45 -11.92
CA VAL A 60 -19.39 17.36 -11.72
CA VAL A 60 -19.38 17.40 -11.68
C VAL A 60 -18.31 17.48 -12.78
N TYR A 61 -17.06 17.23 -12.37
CA TYR A 61 -15.90 17.26 -13.21
C TYR A 61 -15.22 15.89 -13.13
N GLY A 62 -14.80 15.37 -14.27
CA GLY A 62 -14.15 14.08 -14.20
C GLY A 62 -13.25 13.81 -15.37
N ILE A 63 -12.43 12.76 -15.17
CA ILE A 63 -11.64 12.19 -16.23
C ILE A 63 -11.71 10.67 -16.16
N TYR A 64 -11.39 10.03 -17.28
CA TYR A 64 -10.86 8.67 -17.20
C TYR A 64 -9.55 8.62 -17.97
N GLN A 65 -8.73 7.62 -17.67
CA GLN A 65 -7.52 7.41 -18.39
CA GLN A 65 -7.43 7.44 -18.31
C GLN A 65 -7.14 5.94 -18.39
N CYS A 66 -6.97 5.42 -19.60
CA CYS A 66 -6.50 4.05 -19.80
C CYS A 66 -4.99 4.07 -20.01
N ARG A 67 -4.35 2.94 -19.70
CA ARG A 67 -2.97 2.69 -20.04
C ARG A 67 -2.76 3.07 -21.51
N GLY A 68 -1.63 3.69 -21.83
CA GLY A 68 -1.37 4.41 -23.08
C GLY A 68 -1.26 3.54 -24.33
N ASP A 69 -1.21 2.22 -24.15
CA ASP A 69 -1.09 1.29 -25.26
C ASP A 69 -2.33 0.40 -25.37
N LEU A 70 -3.37 0.65 -24.57
CA LEU A 70 -4.58 -0.18 -24.59
C LEU A 70 -5.37 0.07 -25.87
N ASP A 71 -5.90 -1.00 -26.46
CA ASP A 71 -6.84 -0.89 -27.58
C ASP A 71 -8.21 -0.47 -27.05
N PRO A 72 -9.12 0.07 -27.89
CA PRO A 72 -10.39 0.60 -27.39
C PRO A 72 -11.24 -0.44 -26.64
N THR A 73 -11.20 -1.71 -27.08
CA THR A 73 -12.00 -2.77 -26.43
C THR A 73 -11.54 -2.97 -24.99
N ALA A 74 -10.22 -3.05 -24.78
CA ALA A 74 -9.64 -3.25 -23.46
C ALA A 74 -9.93 -2.03 -22.57
N CYS A 75 -9.87 -0.84 -23.17
CA CYS A 75 -10.11 0.42 -22.45
C CYS A 75 -11.58 0.46 -22.01
N SER A 76 -12.50 0.13 -22.91
CA SER A 76 -13.93 0.07 -22.55
C SER A 76 -14.17 -0.89 -21.40
N THR A 77 -13.58 -2.11 -21.47
CA THR A 77 -13.79 -3.13 -20.46
C THR A 77 -13.33 -2.62 -19.08
N CYS A 78 -12.15 -2.00 -19.07
CA CYS A 78 -11.58 -1.50 -17.82
C CYS A 78 -12.45 -0.38 -17.25
N VAL A 79 -12.77 0.60 -18.06
CA VAL A 79 -13.49 1.77 -17.59
C VAL A 79 -14.91 1.36 -17.14
N SER A 80 -15.54 0.46 -17.89
CA SER A 80 -16.84 -0.07 -17.49
C SER A 80 -16.78 -0.69 -16.10
N SER A 81 -15.73 -1.50 -15.86
CA SER A 81 -15.52 -2.16 -14.60
C SER A 81 -15.28 -1.13 -13.50
N ALA A 82 -14.48 -0.10 -13.80
CA ALA A 82 -14.20 0.92 -12.82
C ALA A 82 -15.51 1.60 -12.41
N VAL A 83 -16.33 1.95 -13.40
CA VAL A 83 -17.60 2.63 -13.12
C VAL A 83 -18.49 1.72 -12.26
N ALA A 84 -18.48 0.41 -12.57
CA ALA A 84 -19.34 -0.57 -11.87
C ALA A 84 -18.89 -0.74 -10.41
N GLN A 85 -17.61 -0.46 -10.11
CA GLN A 85 -16.99 -0.70 -8.80
C GLN A 85 -17.01 0.55 -7.93
N VAL A 86 -16.88 1.73 -8.55
CA VAL A 86 -16.69 2.96 -7.81
C VAL A 86 -17.98 3.29 -7.04
N GLY A 87 -19.14 2.98 -7.63
CA GLY A 87 -20.41 3.20 -6.98
C GLY A 87 -20.49 2.46 -5.65
N ALA A 88 -20.08 1.19 -5.66
CA ALA A 88 -20.07 0.36 -4.45
C ALA A 88 -19.11 0.92 -3.40
N LEU A 89 -17.96 1.44 -3.83
CA LEU A 89 -16.89 1.80 -2.92
C LEU A 89 -17.08 3.23 -2.38
N CYS A 90 -17.42 4.16 -3.27
CA CYS A 90 -17.47 5.58 -2.91
C CYS A 90 -18.91 6.05 -2.63
N SER A 91 -19.90 5.22 -2.98
CA SER A 91 -21.34 5.52 -2.84
C SER A 91 -21.63 7.01 -3.10
N ASN A 92 -21.97 7.76 -2.05
CA ASN A 92 -22.49 9.11 -2.26
C ASN A 92 -21.43 10.20 -2.00
N SER A 93 -20.14 9.85 -2.13
CA SER A 93 -19.07 10.84 -2.04
C SER A 93 -19.12 11.81 -3.21
N TYR A 94 -18.89 13.10 -2.94
CA TYR A 94 -18.74 14.08 -3.99
C TYR A 94 -17.51 13.75 -4.84
N SER A 95 -16.43 13.29 -4.20
CA SER A 95 -15.17 13.00 -4.90
CA SER A 95 -15.20 12.99 -4.95
C SER A 95 -14.88 11.50 -4.87
N GLY A 96 -14.54 10.92 -6.02
CA GLY A 96 -14.23 9.53 -6.12
C GLY A 96 -13.09 9.34 -7.11
N PHE A 97 -12.16 8.47 -6.75
CA PHE A 97 -11.02 8.14 -7.58
CA PHE A 97 -10.97 8.16 -7.53
C PHE A 97 -10.76 6.66 -7.45
N LEU A 98 -10.87 5.95 -8.57
CA LEU A 98 -10.67 4.53 -8.59
C LEU A 98 -9.55 4.21 -9.59
N GLN A 99 -8.49 3.56 -9.09
CA GLN A 99 -7.37 3.16 -9.88
C GLN A 99 -7.40 1.64 -10.00
N MET A 100 -7.39 1.18 -11.24
CA MET A 100 -7.21 -0.21 -11.62
C MET A 100 -5.85 -0.36 -12.30
N GLU A 101 -5.44 -1.59 -12.56
CA GLU A 101 -4.19 -1.83 -13.22
C GLU A 101 -4.14 -1.08 -14.56
N ASN A 102 -5.22 -1.14 -15.34
CA ASN A 102 -5.18 -0.69 -16.72
C ASN A 102 -5.94 0.62 -16.96
N CYS A 103 -6.54 1.20 -15.93
CA CYS A 103 -7.28 2.46 -16.12
C CYS A 103 -7.58 3.09 -14.78
N LEU A 104 -7.96 4.39 -14.82
CA LEU A 104 -8.51 5.08 -13.66
C LEU A 104 -9.76 5.86 -14.08
N ILE A 105 -10.62 6.13 -13.11
CA ILE A 105 -11.65 7.14 -13.23
C ILE A 105 -11.56 8.07 -12.03
N ARG A 106 -11.91 9.34 -12.24
CA ARG A 106 -11.78 10.32 -11.18
C ARG A 106 -12.83 11.39 -11.40
N TYR A 107 -13.51 11.76 -10.30
CA TYR A 107 -14.51 12.83 -10.37
C TYR A 107 -14.49 13.63 -9.08
N ASP A 108 -14.96 14.88 -9.17
CA ASP A 108 -14.98 15.77 -8.07
C ASP A 108 -15.97 16.88 -8.41
N ASN A 109 -16.29 17.70 -7.38
CA ASN A 109 -17.27 18.79 -7.49
C ASN A 109 -16.56 20.13 -7.75
N LYS A 110 -15.28 20.07 -8.12
CA LYS A 110 -14.54 21.20 -8.64
C LYS A 110 -13.53 20.64 -9.64
N SER A 111 -13.08 21.48 -10.56
CA SER A 111 -12.09 21.04 -11.53
C SER A 111 -10.77 20.74 -10.82
N PHE A 112 -10.13 19.64 -11.23
CA PHE A 112 -8.76 19.31 -10.82
C PHE A 112 -7.84 19.29 -12.04
N LEU A 113 -8.30 19.72 -13.23
CA LEU A 113 -7.48 19.64 -14.46
C LEU A 113 -6.28 20.57 -14.33
N GLY A 114 -5.10 19.99 -14.59
CA GLY A 114 -3.86 20.73 -14.57
C GLY A 114 -3.39 21.15 -13.19
N VAL A 115 -4.03 20.60 -12.14
CA VAL A 115 -3.59 20.84 -10.78
C VAL A 115 -2.58 19.75 -10.39
N GLN A 116 -1.35 20.14 -10.17
CA GLN A 116 -0.31 19.20 -9.73
C GLN A 116 -0.69 18.62 -8.38
N ASP A 117 -0.36 17.32 -8.17
CA ASP A 117 -0.53 16.73 -6.86
C ASP A 117 0.34 15.49 -6.80
N LYS A 118 1.45 15.64 -6.09
CA LYS A 118 2.48 14.62 -5.97
C LYS A 118 2.32 13.84 -4.66
N THR A 119 1.23 14.05 -3.94
CA THR A 119 1.06 13.38 -2.64
C THR A 119 0.97 11.86 -2.85
N LEU A 120 1.56 11.13 -1.89
CA LEU A 120 1.52 9.70 -1.92
CA LEU A 120 1.55 9.67 -1.86
C LEU A 120 0.14 9.16 -1.60
N ILE A 121 -0.33 8.21 -2.41
CA ILE A 121 -1.47 7.40 -2.09
C ILE A 121 -1.00 6.03 -1.59
N LEU A 122 -0.26 5.29 -2.40
CA LEU A 122 0.03 3.89 -2.08
C LEU A 122 1.38 3.51 -2.67
N ASN A 123 2.24 2.91 -1.87
CA ASN A 123 3.52 2.37 -2.28
C ASN A 123 3.66 0.99 -1.66
N LYS A 124 3.81 -0.04 -2.48
CA LYS A 124 4.09 -1.38 -1.98
C LYS A 124 5.30 -1.92 -2.73
N CYS A 125 6.22 -2.56 -2.02
CA CYS A 125 7.38 -3.22 -2.59
C CYS A 125 7.25 -4.73 -2.48
N GLY A 126 7.83 -5.45 -3.44
CA GLY A 126 7.93 -6.91 -3.37
C GLY A 126 9.03 -7.32 -2.39
N GLN A 127 9.27 -8.65 -2.32
CA GLN A 127 10.33 -9.18 -1.44
C GLN A 127 11.69 -8.97 -2.10
N PRO A 128 12.82 -8.95 -1.35
CA PRO A 128 14.13 -8.64 -1.93
C PRO A 128 14.56 -9.62 -3.02
N MET A 129 15.29 -9.13 -4.02
CA MET A 129 15.96 -9.98 -5.03
C MET A 129 17.08 -10.78 -4.32
N ASN A 132 22.77 -11.09 -4.23
CA ASN A 132 23.99 -11.49 -4.96
C ASN A 132 23.76 -11.44 -6.47
N ASP A 133 22.49 -11.27 -6.90
CA ASP A 133 22.12 -11.30 -8.31
C ASP A 133 22.23 -9.88 -8.88
N GLN A 134 23.46 -9.48 -9.20
CA GLN A 134 23.76 -8.13 -9.67
C GLN A 134 23.15 -7.89 -11.05
N ASP A 135 22.96 -8.96 -11.84
CA ASP A 135 22.34 -8.87 -13.16
C ASP A 135 20.90 -8.36 -13.00
N ALA A 136 20.17 -8.99 -12.07
CA ALA A 136 18.79 -8.62 -11.79
C ALA A 136 18.75 -7.21 -11.20
N LEU A 137 19.66 -6.90 -10.26
CA LEU A 137 19.65 -5.60 -9.59
C LEU A 137 19.95 -4.48 -10.61
N THR A 138 20.91 -4.76 -11.50
CA THR A 138 21.27 -3.84 -12.59
C THR A 138 20.07 -3.61 -13.50
N LYS A 139 19.43 -4.69 -13.97
CA LYS A 139 18.30 -4.59 -14.85
C LYS A 139 17.20 -3.75 -14.22
N ALA A 140 16.86 -4.04 -12.96
CA ALA A 140 15.81 -3.32 -12.27
C ALA A 140 16.17 -1.83 -12.19
N SER A 141 17.41 -1.53 -11.80
CA SER A 141 17.88 -0.15 -11.70
C SER A 141 17.75 0.58 -13.05
N ASP A 142 18.17 -0.09 -14.11
CA ASP A 142 18.18 0.50 -15.42
C ASP A 142 16.74 0.68 -15.93
N VAL A 143 15.86 -0.31 -15.70
CA VAL A 143 14.51 -0.20 -16.14
C VAL A 143 13.81 0.96 -15.39
N ILE A 144 13.95 0.98 -14.06
CA ILE A 144 13.24 1.98 -13.28
C ILE A 144 13.71 3.37 -13.73
N GLY A 145 15.02 3.50 -13.89
CA GLY A 145 15.57 4.81 -14.27
C GLY A 145 15.15 5.22 -15.65
N SER A 146 15.00 4.24 -16.54
CA SER A 146 14.59 4.51 -17.92
C SER A 146 13.21 5.17 -17.97
N LEU A 147 12.35 4.87 -17.00
CA LEU A 147 11.02 5.47 -16.94
C LEU A 147 11.13 6.99 -16.78
N GLY A 148 12.18 7.49 -16.12
CA GLY A 148 12.30 8.95 -15.85
C GLY A 148 12.79 9.70 -17.07
N THR A 149 13.46 9.01 -18.01
CA THR A 149 14.12 9.69 -19.11
C THR A 149 13.25 9.57 -20.34
N GLY A 150 12.21 8.75 -20.23
CA GLY A 150 11.26 8.50 -21.24
C GLY A 150 10.38 9.71 -21.39
N ASP A 151 9.60 9.74 -22.46
CA ASP A 151 8.91 10.96 -22.85
C ASP A 151 7.39 10.75 -22.80
N GLY A 152 6.71 11.85 -22.52
CA GLY A 152 5.26 11.94 -22.51
C GLY A 152 4.64 11.31 -21.29
N SER A 153 3.34 11.08 -21.38
CA SER A 153 2.56 10.80 -20.18
C SER A 153 2.42 9.31 -19.91
N TYR A 154 2.82 8.47 -20.86
CA TYR A 154 2.80 7.02 -20.68
C TYR A 154 4.14 6.46 -21.12
N ARG A 155 4.85 5.79 -20.22
CA ARG A 155 6.21 5.37 -20.50
C ARG A 155 6.38 3.92 -20.06
N THR A 156 7.09 3.14 -20.88
CA THR A 156 7.36 1.76 -20.52
C THR A 156 8.81 1.44 -20.86
N GLY A 157 9.38 0.50 -20.13
CA GLY A 157 10.73 0.04 -20.35
C GLY A 157 10.85 -1.40 -19.92
N GLY A 158 11.72 -2.17 -20.56
CA GLY A 158 11.92 -3.53 -20.14
C GLY A 158 13.28 -4.04 -20.54
N ASN A 159 13.79 -4.96 -19.72
CA ASN A 159 15.11 -5.60 -19.93
CA ASN A 159 15.00 -5.63 -20.06
C ASN A 159 14.90 -7.04 -19.47
N GLY A 160 15.09 -8.02 -20.33
CA GLY A 160 14.90 -9.38 -19.86
C GLY A 160 13.48 -9.60 -19.41
N ASN A 161 13.33 -10.09 -18.17
CA ASN A 161 12.05 -10.36 -17.58
C ASN A 161 11.61 -9.21 -16.67
N VAL A 162 12.32 -8.08 -16.72
CA VAL A 162 12.00 -6.92 -15.87
C VAL A 162 11.21 -5.95 -16.72
N GLN A 163 10.08 -5.49 -16.21
CA GLN A 163 9.21 -4.58 -16.97
C GLN A 163 8.87 -3.39 -16.05
N GLY A 164 8.87 -2.18 -16.60
CA GLY A 164 8.43 -0.99 -15.88
C GLY A 164 7.41 -0.23 -16.67
N VAL A 165 6.51 0.42 -15.95
CA VAL A 165 5.48 1.26 -16.52
C VAL A 165 5.38 2.51 -15.66
N ALA A 166 5.21 3.64 -16.31
CA ALA A 166 4.93 4.92 -15.58
C ALA A 166 3.87 5.68 -16.33
N GLN A 167 2.95 6.32 -15.64
CA GLN A 167 1.90 7.08 -16.35
C GLN A 167 1.53 8.29 -15.49
N CYS A 168 1.37 9.43 -16.16
CA CYS A 168 0.81 10.64 -15.58
CA CYS A 168 0.82 10.65 -15.57
CA CYS A 168 0.80 10.57 -15.47
C CYS A 168 -0.65 10.80 -15.96
N SER A 169 -1.45 11.33 -15.04
CA SER A 169 -2.78 11.76 -15.35
C SER A 169 -2.71 12.69 -16.58
N GLY A 170 -3.66 12.50 -17.50
CA GLY A 170 -3.62 13.11 -18.83
C GLY A 170 -3.79 14.62 -18.79
N ASP A 171 -4.23 15.17 -17.66
CA ASP A 171 -4.46 16.60 -17.53
C ASP A 171 -3.18 17.37 -17.19
N LEU A 172 -2.09 16.67 -16.81
CA LEU A 172 -0.86 17.33 -16.42
C LEU A 172 -0.13 17.82 -17.69
N SER A 173 0.55 18.95 -17.53
CA SER A 173 1.44 19.44 -18.58
C SER A 173 2.67 18.54 -18.68
N THR A 174 3.45 18.74 -19.73
CA THR A 174 4.70 18.00 -19.88
C THR A 174 5.59 18.16 -18.63
N SER A 175 5.77 19.39 -18.17
CA SER A 175 6.58 19.70 -17.04
CA SER A 175 6.65 19.63 -17.04
C SER A 175 6.02 19.06 -15.76
N GLN A 176 4.71 19.23 -15.59
CA GLN A 176 4.08 18.70 -14.36
C GLN A 176 4.22 17.18 -14.32
N CYS A 177 4.04 16.56 -15.48
CA CYS A 177 4.18 15.12 -15.60
C CYS A 177 5.58 14.67 -15.22
N GLN A 178 6.61 15.32 -15.79
CA GLN A 178 7.95 14.94 -15.45
C GLN A 178 8.25 15.14 -13.96
N ASP A 179 7.73 16.22 -13.36
CA ASP A 179 7.93 16.50 -11.97
C ASP A 179 7.29 15.39 -11.12
N CYS A 180 6.03 15.04 -11.45
CA CYS A 180 5.34 13.99 -10.70
C CYS A 180 6.14 12.67 -10.82
N LEU A 181 6.46 12.30 -12.07
CA LEU A 181 7.18 11.02 -12.30
C LEU A 181 8.56 11.00 -11.67
N SER A 182 9.27 12.13 -11.67
N SER A 182 9.30 12.11 -11.69
CA SER A 182 10.57 12.19 -11.02
CA SER A 182 10.64 12.11 -11.08
C SER A 182 10.44 11.75 -9.56
C SER A 182 10.50 11.72 -9.59
N ASP A 183 9.42 12.28 -8.88
N ASP A 183 9.42 12.20 -8.96
CA ASP A 183 9.17 11.90 -7.49
CA ASP A 183 9.14 11.93 -7.55
C ASP A 183 8.84 10.40 -7.43
C ASP A 183 8.74 10.46 -7.36
N ALA A 184 7.86 9.96 -8.22
CA ALA A 184 7.37 8.58 -8.11
C ALA A 184 8.50 7.58 -8.38
N ILE A 185 9.25 7.83 -9.46
CA ILE A 185 10.34 6.94 -9.82
C ILE A 185 11.45 6.98 -8.76
N GLY A 186 11.76 8.17 -8.21
CA GLY A 186 12.73 8.27 -7.16
C GLY A 186 12.38 7.42 -5.96
N ARG A 187 11.11 7.47 -5.54
N ARG A 187 11.11 7.48 -5.54
CA ARG A 187 10.61 6.66 -4.44
CA ARG A 187 10.61 6.66 -4.45
C ARG A 187 10.68 5.18 -4.80
C ARG A 187 10.71 5.18 -4.81
N LEU A 188 10.27 4.84 -6.04
CA LEU A 188 10.25 3.43 -6.48
C LEU A 188 11.66 2.85 -6.43
N LYS A 189 12.62 3.61 -6.92
CA LYS A 189 14.00 3.13 -6.90
C LYS A 189 14.53 3.06 -5.46
N SER A 190 14.30 4.11 -4.68
N SER A 190 14.31 4.11 -4.67
CA SER A 190 14.91 4.19 -3.37
CA SER A 190 14.98 4.15 -3.38
C SER A 190 14.34 3.11 -2.46
C SER A 190 14.33 3.19 -2.39
N ASP A 191 13.04 2.90 -2.55
CA ASP A 191 12.39 1.99 -1.61
C ASP A 191 12.25 0.57 -2.14
N CYS A 192 12.00 0.38 -3.45
CA CYS A 192 11.72 -0.95 -4.02
C CYS A 192 12.80 -1.40 -5.01
N GLY A 193 13.88 -0.65 -5.18
CA GLY A 193 14.81 -0.88 -6.30
C GLY A 193 15.55 -2.21 -6.21
N MET A 194 15.64 -2.76 -4.99
N MET A 194 15.66 -2.79 -5.01
CA MET A 194 16.31 -4.04 -4.75
CA MET A 194 16.30 -4.09 -4.91
C MET A 194 15.31 -5.18 -4.61
C MET A 194 15.28 -5.15 -4.47
N ALA A 195 14.00 -4.91 -4.81
CA ALA A 195 12.90 -5.84 -4.60
C ALA A 195 12.45 -6.46 -5.92
N GLN A 196 11.67 -7.53 -5.79
CA GLN A 196 11.02 -8.21 -6.88
C GLN A 196 9.72 -7.46 -7.20
N GLY A 197 9.91 -6.27 -7.74
CA GLY A 197 8.78 -5.49 -8.16
C GLY A 197 8.37 -4.50 -7.09
N GLY A 198 7.54 -3.57 -7.51
CA GLY A 198 6.96 -2.62 -6.59
C GLY A 198 6.21 -1.56 -7.34
N TYR A 199 5.47 -0.74 -6.63
CA TYR A 199 4.67 0.29 -7.26
C TYR A 199 4.55 1.50 -6.35
N VAL A 200 4.49 2.68 -6.97
CA VAL A 200 4.27 3.93 -6.29
C VAL A 200 3.14 4.63 -7.02
N TYR A 201 2.06 4.92 -6.32
CA TYR A 201 0.93 5.66 -6.84
C TYR A 201 0.89 6.99 -6.08
N LEU A 202 1.11 8.07 -6.82
CA LEU A 202 0.90 9.42 -6.31
C LEU A 202 -0.44 9.90 -6.82
N SER A 203 -0.89 11.05 -6.32
CA SER A 203 -2.19 11.48 -6.70
C SER A 203 -2.35 11.60 -8.24
N LYS A 204 -1.35 12.20 -8.92
CA LYS A 204 -1.50 12.49 -10.33
C LYS A 204 -0.54 11.66 -11.21
N CYS A 205 0.14 10.66 -10.67
CA CYS A 205 0.97 9.81 -11.52
C CYS A 205 1.34 8.55 -10.77
N TYR A 206 1.89 7.57 -11.51
CA TYR A 206 2.38 6.36 -10.88
C TYR A 206 3.59 5.81 -11.63
N ALA A 207 4.37 5.00 -10.92
CA ALA A 207 5.47 4.27 -11.54
C ALA A 207 5.48 2.89 -10.90
N ARG A 208 5.71 1.84 -11.70
CA ARG A 208 5.70 0.51 -11.15
C ARG A 208 6.63 -0.39 -11.98
N PHE A 209 7.07 -1.47 -11.37
CA PHE A 209 7.88 -2.43 -12.09
C PHE A 209 7.61 -3.83 -11.56
N SER A 210 7.93 -4.81 -12.41
CA SER A 210 7.76 -6.21 -12.05
C SER A 210 9.00 -6.97 -12.51
N VAL A 211 9.36 -8.03 -11.78
CA VAL A 211 10.49 -8.89 -12.13
C VAL A 211 9.91 -10.30 -12.25
N GLY A 212 9.99 -10.89 -13.42
CA GLY A 212 9.39 -12.21 -13.65
C GLY A 212 7.87 -12.12 -13.69
N GLY A 213 7.22 -13.28 -13.53
CA GLY A 213 5.75 -13.37 -13.49
C GLY A 213 5.24 -14.50 -14.39
N ASP B 6 -10.92 -6.47 4.59
CA ASP B 6 -10.01 -7.60 4.29
C ASP B 6 -9.66 -8.31 5.60
N ASN B 7 -9.07 -9.51 5.46
CA ASN B 7 -8.82 -10.36 6.61
C ASN B 7 -7.34 -10.29 7.05
N TYR B 8 -6.51 -9.65 6.22
CA TYR B 8 -5.11 -9.44 6.56
C TYR B 8 -4.63 -8.18 5.84
N ILE B 9 -3.50 -7.67 6.27
CA ILE B 9 -2.95 -6.43 5.68
C ILE B 9 -1.97 -6.77 4.56
N TYR B 10 -0.99 -7.63 4.83
CA TYR B 10 -0.14 -8.12 3.78
C TYR B 10 0.42 -9.48 4.17
N ALA B 11 0.82 -10.25 3.14
CA ALA B 11 1.45 -11.54 3.31
C ALA B 11 2.67 -11.64 2.42
N VAL B 12 3.65 -12.41 2.85
CA VAL B 12 4.84 -12.66 2.05
C VAL B 12 5.14 -14.15 2.11
N CYS B 13 5.21 -14.79 0.93
CA CYS B 13 5.47 -16.24 0.81
C CYS B 13 6.71 -16.42 -0.05
N SER B 14 7.65 -17.28 0.39
CA SER B 14 8.83 -17.60 -0.45
C SER B 14 8.42 -18.34 -1.73
N PRO B 15 9.05 -18.04 -2.89
CA PRO B 15 8.88 -18.89 -4.07
C PRO B 15 9.33 -20.33 -3.78
N ALA B 16 10.39 -20.50 -2.99
CA ALA B 16 10.92 -21.83 -2.69
C ALA B 16 9.95 -22.59 -1.78
N LYS B 17 9.71 -23.86 -2.15
CA LYS B 17 8.72 -24.74 -1.49
C LYS B 17 9.41 -25.98 -0.91
N PHE B 18 8.88 -26.49 0.21
CA PHE B 18 9.35 -27.73 0.81
C PHE B 18 8.42 -28.88 0.37
N SER B 19 8.94 -30.10 0.50
CA SER B 19 8.16 -31.28 0.13
C SER B 19 7.32 -31.73 1.31
N PRO B 20 6.20 -32.45 1.05
CA PRO B 20 5.31 -32.88 2.13
C PRO B 20 5.96 -33.77 3.19
N SER B 21 7.01 -34.52 2.83
CA SER B 21 7.66 -35.43 3.73
C SER B 21 8.94 -34.87 4.33
N SER B 22 9.26 -33.59 4.05
CA SER B 22 10.50 -32.97 4.51
C SER B 22 10.54 -32.84 6.03
N GLY B 23 11.76 -32.88 6.58
CA GLY B 23 11.98 -32.54 7.97
C GLY B 23 11.38 -31.17 8.28
N TYR B 24 11.57 -30.24 7.35
CA TYR B 24 11.15 -28.87 7.54
C TYR B 24 9.65 -28.84 7.80
N GLU B 25 8.90 -29.60 7.00
CA GLU B 25 7.46 -29.58 7.16
C GLU B 25 7.04 -30.10 8.55
N THR B 26 7.75 -31.09 9.10
CA THR B 26 7.50 -31.61 10.43
C THR B 26 7.76 -30.50 11.45
N ASN B 27 8.90 -29.81 11.32
CA ASN B 27 9.23 -28.80 12.30
C ASN B 27 8.30 -27.59 12.21
N LEU B 28 7.91 -27.23 10.98
CA LEU B 28 6.98 -26.11 10.75
C LEU B 28 5.66 -26.40 11.45
N ASN B 29 5.18 -27.64 11.30
CA ASN B 29 3.93 -27.95 11.94
C ASN B 29 4.04 -27.89 13.47
N SER B 30 5.14 -28.39 14.04
CA SER B 30 5.40 -28.23 15.46
C SER B 30 5.36 -26.74 15.85
N LEU B 31 6.07 -25.92 15.09
CA LEU B 31 6.16 -24.47 15.39
C LEU B 31 4.77 -23.84 15.46
N LEU B 32 3.98 -24.02 14.41
CA LEU B 32 2.64 -23.41 14.33
C LEU B 32 1.77 -23.80 15.52
N SER B 33 1.82 -25.06 15.96
CA SER B 33 1.08 -25.47 17.16
C SER B 33 1.60 -24.72 18.38
N SER B 34 2.92 -24.60 18.50
CA SER B 34 3.57 -23.90 19.64
C SER B 34 3.06 -22.47 19.75
N PHE B 35 2.81 -21.82 18.61
CA PHE B 35 2.19 -20.46 18.55
C PHE B 35 0.87 -20.43 19.37
N VAL B 36 0.00 -21.42 19.17
CA VAL B 36 -1.36 -21.42 19.75
C VAL B 36 -1.35 -21.93 21.21
N THR B 37 -0.32 -22.68 21.59
CA THR B 37 -0.04 -23.03 22.98
C THR B 37 0.46 -21.81 23.78
N SER B 38 1.13 -20.87 23.10
CA SER B 38 1.85 -19.82 23.79
CA SER B 38 1.87 -19.80 23.74
C SER B 38 1.02 -18.53 23.86
N THR B 39 0.07 -18.35 22.95
CA THR B 39 -0.68 -17.08 22.88
C THR B 39 -1.49 -16.75 24.15
N ALA B 40 -1.93 -17.76 24.89
CA ALA B 40 -2.72 -17.51 26.11
C ALA B 40 -1.84 -16.88 27.19
N GLN B 41 -0.52 -17.16 27.11
CA GLN B 41 0.47 -16.85 28.14
C GLN B 41 1.29 -15.59 27.83
N THR B 42 1.58 -15.34 26.54
CA THR B 42 2.43 -14.20 26.17
C THR B 42 2.06 -13.68 24.79
N ARG B 43 2.23 -12.37 24.59
CA ARG B 43 1.90 -11.73 23.32
C ARG B 43 3.00 -11.83 22.27
N TYR B 44 4.20 -12.26 22.67
CA TYR B 44 5.28 -12.42 21.78
C TYR B 44 6.11 -13.63 22.23
N ALA B 45 6.49 -14.44 21.26
CA ALA B 45 7.47 -15.48 21.50
C ALA B 45 8.23 -15.81 20.21
N ASN B 46 9.47 -16.29 20.40
CA ASN B 46 10.31 -16.78 19.34
C ASN B 46 10.57 -18.27 19.58
N PHE B 47 10.70 -19.00 18.48
CA PHE B 47 10.95 -20.42 18.53
C PHE B 47 11.95 -20.82 17.47
N THR B 48 12.82 -21.77 17.83
CA THR B 48 13.65 -22.48 16.89
CA THR B 48 13.66 -22.47 16.88
C THR B 48 13.33 -23.97 17.04
N VAL B 49 12.96 -24.60 15.93
CA VAL B 49 12.51 -25.99 15.94
C VAL B 49 13.26 -26.79 14.87
N PRO B 50 13.99 -27.83 15.30
CA PRO B 50 14.11 -28.29 16.66
C PRO B 50 15.16 -27.49 17.47
N THR B 51 15.18 -27.75 18.77
CA THR B 51 16.20 -27.22 19.67
C THR B 51 17.48 -28.05 19.45
N GLY B 52 18.63 -27.41 19.68
CA GLY B 52 19.94 -28.03 19.50
C GLY B 52 20.60 -27.55 18.22
N LYS B 53 21.46 -28.42 17.66
CA LYS B 53 22.22 -28.09 16.47
CA LYS B 53 22.22 -28.11 16.46
C LYS B 53 21.26 -27.75 15.34
N PRO B 54 21.41 -26.55 14.71
CA PRO B 54 20.62 -26.19 13.52
C PRO B 54 21.05 -26.96 12.27
N GLU B 55 20.11 -27.20 11.35
CA GLU B 55 20.35 -27.94 10.12
C GLU B 55 19.68 -27.20 8.97
N PRO B 56 20.41 -26.69 7.96
CA PRO B 56 19.79 -25.90 6.89
C PRO B 56 18.74 -26.68 6.10
N THR B 57 17.65 -25.98 5.80
CA THR B 57 16.46 -26.47 5.12
C THR B 57 15.72 -27.50 5.98
N VAL B 58 16.03 -27.58 7.27
CA VAL B 58 15.36 -28.47 8.22
C VAL B 58 14.86 -27.70 9.46
N THR B 59 15.75 -26.94 10.11
CA THR B 59 15.36 -26.07 11.22
C THR B 59 14.45 -24.94 10.73
N VAL B 60 13.44 -24.65 11.53
CA VAL B 60 12.54 -23.51 11.28
C VAL B 60 12.70 -22.54 12.44
N TYR B 61 12.63 -21.25 12.07
CA TYR B 61 12.66 -20.13 13.01
C TYR B 61 11.33 -19.38 12.88
N GLY B 62 10.73 -19.04 14.01
CA GLY B 62 9.44 -18.36 13.94
C GLY B 62 9.19 -17.44 15.10
N ILE B 63 8.27 -16.50 14.86
CA ILE B 63 7.69 -15.71 15.90
C ILE B 63 6.20 -15.51 15.64
N TYR B 64 5.50 -15.17 16.72
CA TYR B 64 4.21 -14.50 16.56
C TYR B 64 4.28 -13.26 17.44
N GLN B 65 3.39 -12.30 17.16
CA GLN B 65 3.32 -11.13 17.99
C GLN B 65 1.95 -10.49 17.88
N CYS B 66 1.35 -10.29 19.02
CA CYS B 66 0.10 -9.56 19.11
C CYS B 66 0.37 -8.15 19.59
N ARG B 67 -0.55 -7.24 19.27
CA ARG B 67 -0.47 -5.90 19.81
CA ARG B 67 -0.54 -5.89 19.82
C ARG B 67 -0.35 -5.98 21.33
N GLY B 68 0.45 -5.07 21.88
CA GLY B 68 0.92 -5.12 23.23
C GLY B 68 -0.11 -5.01 24.31
N ASP B 69 -1.31 -4.48 23.98
CA ASP B 69 -2.38 -4.28 24.91
C ASP B 69 -3.52 -5.28 24.62
N LEU B 70 -3.30 -6.25 23.75
CA LEU B 70 -4.41 -7.12 23.34
C LEU B 70 -4.69 -8.08 24.48
N ASP B 71 -5.98 -8.32 24.77
CA ASP B 71 -6.30 -9.34 25.75
C ASP B 71 -5.95 -10.70 25.15
N PRO B 72 -5.65 -11.69 26.04
CA PRO B 72 -5.14 -13.00 25.61
C PRO B 72 -6.09 -13.72 24.62
N THR B 73 -7.40 -13.62 24.82
CA THR B 73 -8.34 -14.29 23.94
C THR B 73 -8.30 -13.68 22.52
N ALA B 74 -8.22 -12.35 22.42
CA ALA B 74 -8.09 -11.64 21.14
C ALA B 74 -6.75 -12.02 20.47
N CYS B 75 -5.73 -12.23 21.27
CA CYS B 75 -4.41 -12.61 20.74
C CYS B 75 -4.46 -14.03 20.16
N SER B 76 -5.04 -14.95 20.92
CA SER B 76 -5.18 -16.32 20.42
C SER B 76 -6.05 -16.36 19.16
N THR B 77 -7.15 -15.62 19.13
CA THR B 77 -8.04 -15.56 17.99
C THR B 77 -7.27 -15.08 16.75
N CYS B 78 -6.50 -13.99 16.94
CA CYS B 78 -5.83 -13.39 15.82
C CYS B 78 -4.78 -14.36 15.27
N VAL B 79 -3.96 -14.91 16.16
CA VAL B 79 -2.88 -15.75 15.75
C VAL B 79 -3.41 -17.01 15.05
N SER B 80 -4.51 -17.56 15.59
CA SER B 80 -5.11 -18.75 14.92
C SER B 80 -5.58 -18.42 13.51
N SER B 81 -6.22 -17.26 13.32
CA SER B 81 -6.60 -16.82 12.04
C SER B 81 -5.39 -16.60 11.13
N ALA B 82 -4.33 -15.99 11.68
CA ALA B 82 -3.11 -15.74 10.89
C ALA B 82 -2.55 -17.07 10.39
N VAL B 83 -2.50 -18.07 11.28
CA VAL B 83 -1.97 -19.39 10.88
C VAL B 83 -2.82 -20.01 9.78
N ALA B 84 -4.16 -19.89 9.94
CA ALA B 84 -5.06 -20.39 8.90
C ALA B 84 -4.82 -19.70 7.56
N GLN B 85 -4.71 -18.36 7.58
CA GLN B 85 -4.57 -17.60 6.39
C GLN B 85 -3.20 -17.79 5.74
N VAL B 86 -2.13 -17.91 6.53
CA VAL B 86 -0.84 -18.03 5.92
C VAL B 86 -0.73 -19.40 5.26
N GLY B 87 -1.36 -20.40 5.87
CA GLY B 87 -1.41 -21.74 5.26
C GLY B 87 -2.06 -21.70 3.90
N ALA B 88 -3.20 -21.01 3.84
CA ALA B 88 -3.97 -20.91 2.62
C ALA B 88 -3.17 -20.14 1.57
N LEU B 89 -2.50 -19.05 1.99
CA LEU B 89 -1.84 -18.14 1.07
C LEU B 89 -0.48 -18.70 0.63
N CYS B 90 0.31 -19.24 1.57
CA CYS B 90 1.70 -19.60 1.32
C CYS B 90 1.90 -21.11 1.11
N SER B 91 0.90 -21.94 1.41
CA SER B 91 0.98 -23.39 1.23
CA SER B 91 0.98 -23.39 1.22
C SER B 91 2.34 -23.92 1.72
N ASN B 92 3.15 -24.49 0.83
CA ASN B 92 4.38 -25.18 1.22
CA ASN B 92 4.38 -25.18 1.25
C ASN B 92 5.61 -24.27 1.05
N SER B 93 5.42 -22.96 1.15
CA SER B 93 6.56 -22.03 1.13
C SER B 93 7.43 -22.23 2.36
N TYR B 94 8.75 -22.24 2.16
CA TYR B 94 9.68 -22.26 3.27
C TYR B 94 9.44 -21.05 4.19
N SER B 95 9.20 -19.89 3.60
CA SER B 95 9.03 -18.71 4.46
CA SER B 95 9.08 -18.62 4.34
C SER B 95 7.64 -18.12 4.24
N GLY B 96 7.02 -17.79 5.36
CA GLY B 96 5.70 -17.25 5.41
C GLY B 96 5.68 -16.11 6.43
N PHE B 97 4.99 -15.05 6.05
CA PHE B 97 4.79 -13.93 6.92
C PHE B 97 3.38 -13.40 6.67
N LEU B 98 2.66 -13.14 7.75
CA LEU B 98 1.38 -12.55 7.61
C LEU B 98 1.17 -11.49 8.70
N GLN B 99 0.73 -10.32 8.26
CA GLN B 99 0.45 -9.19 9.12
C GLN B 99 -1.06 -8.92 9.11
N MET B 100 -1.67 -8.95 10.29
CA MET B 100 -3.05 -8.56 10.47
C MET B 100 -3.09 -7.29 11.30
N GLU B 101 -4.28 -6.71 11.48
CA GLU B 101 -4.37 -5.51 12.32
C GLU B 101 -3.82 -5.80 13.73
N ASN B 102 -4.17 -6.95 14.32
CA ASN B 102 -3.94 -7.19 15.74
C ASN B 102 -2.73 -8.11 16.01
N CYS B 103 -2.14 -8.70 14.97
CA CYS B 103 -1.06 -9.64 15.18
C CYS B 103 -0.30 -9.91 13.88
N LEU B 104 0.89 -10.51 14.04
CA LEU B 104 1.64 -11.06 12.92
C LEU B 104 2.13 -12.45 13.30
N ILE B 105 2.47 -13.20 12.25
CA ILE B 105 3.25 -14.43 12.40
C ILE B 105 4.32 -14.45 11.31
N ARG B 106 5.43 -15.15 11.60
CA ARG B 106 6.52 -15.24 10.67
C ARG B 106 7.30 -16.50 10.93
N TYR B 107 7.60 -17.22 9.83
CA TYR B 107 8.48 -18.35 9.91
C TYR B 107 9.37 -18.39 8.67
N ASP B 108 10.54 -19.02 8.84
CA ASP B 108 11.58 -18.98 7.81
C ASP B 108 12.58 -20.09 8.12
N ASN B 109 13.22 -20.59 7.05
CA ASN B 109 14.31 -21.54 7.20
C ASN B 109 15.63 -20.76 7.30
N LYS B 110 15.62 -19.48 6.95
CA LYS B 110 16.77 -18.56 7.16
C LYS B 110 16.43 -17.70 8.37
N SER B 111 17.18 -17.81 9.47
CA SER B 111 16.83 -17.10 10.68
C SER B 111 16.88 -15.59 10.45
N PHE B 112 15.85 -14.91 10.95
CA PHE B 112 15.73 -13.44 10.92
C PHE B 112 15.84 -12.87 12.33
N LEU B 113 16.09 -13.70 13.33
CA LEU B 113 15.95 -13.34 14.70
C LEU B 113 16.99 -12.28 15.10
N GLY B 114 16.49 -11.12 15.51
CA GLY B 114 17.32 -10.07 16.00
C GLY B 114 17.98 -9.29 14.88
N VAL B 115 17.59 -9.53 13.62
CA VAL B 115 18.22 -8.87 12.47
C VAL B 115 17.40 -7.64 12.07
N GLN B 116 18.03 -6.47 12.06
CA GLN B 116 17.35 -5.29 11.67
C GLN B 116 16.94 -5.39 10.19
N ASP B 117 15.78 -4.82 9.86
CA ASP B 117 15.38 -4.72 8.49
C ASP B 117 14.32 -3.62 8.39
N LYS B 118 14.74 -2.47 7.86
CA LYS B 118 13.93 -1.29 7.71
C LYS B 118 13.39 -1.12 6.30
N THR B 119 13.50 -2.17 5.49
CA THR B 119 13.02 -1.99 4.14
C THR B 119 11.51 -1.76 4.12
N LEU B 120 11.06 -0.96 3.16
CA LEU B 120 9.67 -0.62 3.02
CA LEU B 120 9.67 -0.63 3.06
C LEU B 120 8.90 -1.81 2.46
N ILE B 121 7.79 -2.17 3.09
CA ILE B 121 6.87 -3.14 2.52
CA ILE B 121 6.88 -3.14 2.50
C ILE B 121 5.66 -2.41 1.95
N LEU B 122 4.96 -1.63 2.78
CA LEU B 122 3.69 -1.08 2.39
C LEU B 122 3.49 0.26 3.09
N ASN B 123 3.14 1.26 2.31
CA ASN B 123 2.89 2.59 2.82
C ASN B 123 1.64 3.11 2.10
N LYS B 124 0.60 3.44 2.83
CA LYS B 124 -0.58 4.01 2.25
C LYS B 124 -0.97 5.22 3.09
N CYS B 125 -1.39 6.29 2.42
CA CYS B 125 -1.88 7.46 3.09
C CYS B 125 -3.36 7.58 2.79
N GLY B 126 -4.10 8.14 3.74
CA GLY B 126 -5.46 8.60 3.49
C GLY B 126 -5.49 9.87 2.66
N GLN B 127 -6.68 10.39 2.41
CA GLN B 127 -6.78 11.58 1.59
C GLN B 127 -6.42 12.81 2.42
N PRO B 128 -6.13 13.97 1.77
CA PRO B 128 -5.72 15.16 2.50
C PRO B 128 -6.77 15.63 3.51
N MET B 129 -6.25 16.20 4.61
CA MET B 129 -7.07 16.93 5.55
CA MET B 129 -6.99 16.99 5.57
C MET B 129 -7.62 18.17 4.83
N GLU B 130 -8.71 18.72 5.37
CA GLU B 130 -9.36 19.88 4.79
C GLU B 130 -8.39 21.06 4.82
N PHE B 131 -8.53 21.95 3.83
CA PHE B 131 -7.56 23.03 3.58
C PHE B 131 -7.27 23.78 4.89
N ASN B 132 -5.99 24.09 5.10
CA ASN B 132 -5.51 24.96 6.18
C ASN B 132 -6.08 24.54 7.55
N ASP B 133 -6.26 23.23 7.76
CA ASP B 133 -6.76 22.74 9.02
C ASP B 133 -5.57 22.56 9.97
N GLN B 134 -5.05 23.67 10.50
CA GLN B 134 -3.77 23.66 11.19
C GLN B 134 -3.90 22.88 12.51
N ASP B 135 -5.07 22.91 13.14
CA ASP B 135 -5.29 22.16 14.37
CA ASP B 135 -5.29 22.16 14.36
C ASP B 135 -5.15 20.66 14.05
N ALA B 136 -5.69 20.22 12.90
CA ALA B 136 -5.60 18.81 12.53
C ALA B 136 -4.15 18.41 12.20
N LEU B 137 -3.45 19.25 11.45
CA LEU B 137 -2.02 19.04 11.18
C LEU B 137 -1.24 18.87 12.49
N THR B 138 -1.41 19.79 13.45
CA THR B 138 -0.65 19.76 14.65
C THR B 138 -0.97 18.47 15.44
N LYS B 139 -2.27 18.17 15.56
CA LYS B 139 -2.65 16.98 16.31
C LYS B 139 -2.05 15.72 15.69
N ALA B 140 -2.09 15.60 14.36
CA ALA B 140 -1.55 14.42 13.74
C ALA B 140 -0.03 14.35 13.93
N SER B 141 0.65 15.51 13.78
CA SER B 141 2.09 15.56 14.01
C SER B 141 2.46 15.10 15.42
N ASP B 142 1.72 15.64 16.42
CA ASP B 142 2.01 15.34 17.81
C ASP B 142 1.78 13.84 18.09
N VAL B 143 0.72 13.29 17.52
CA VAL B 143 0.40 11.90 17.80
C VAL B 143 1.44 10.99 17.12
N ILE B 144 1.73 11.26 15.83
CA ILE B 144 2.69 10.43 15.15
C ILE B 144 4.05 10.49 15.81
N GLY B 145 4.54 11.71 16.14
CA GLY B 145 5.82 11.86 16.79
C GLY B 145 5.92 11.21 18.14
N SER B 146 4.81 11.23 18.86
CA SER B 146 4.74 10.60 20.22
C SER B 146 5.07 9.11 20.15
N LEU B 147 4.79 8.46 19.01
CA LEU B 147 5.04 7.03 18.86
C LEU B 147 6.54 6.73 18.93
N GLY B 148 7.40 7.73 18.73
CA GLY B 148 8.84 7.51 18.82
C GLY B 148 9.41 7.68 20.21
N THR B 149 8.59 8.11 21.18
CA THR B 149 9.07 8.35 22.52
C THR B 149 8.85 7.12 23.38
N GLY B 150 9.57 7.07 24.50
CA GLY B 150 9.59 5.89 25.35
C GLY B 150 10.43 4.78 24.75
N ASP B 151 10.40 3.64 25.44
CA ASP B 151 11.04 2.42 25.03
C ASP B 151 9.95 1.36 25.03
N GLY B 152 10.27 0.23 24.45
CA GLY B 152 9.31 -0.82 24.32
C GLY B 152 8.89 -0.97 22.89
N SER B 153 8.43 -2.19 22.60
CA SER B 153 8.15 -2.59 21.24
CA SER B 153 8.11 -2.68 21.26
C SER B 153 6.73 -2.23 20.80
N TYR B 154 5.86 -1.75 21.69
CA TYR B 154 4.50 -1.40 21.33
C TYR B 154 4.14 -0.06 21.94
N ARG B 155 3.74 0.90 21.11
CA ARG B 155 3.54 2.27 21.56
C ARG B 155 2.25 2.81 20.94
N THR B 156 1.46 3.53 21.73
CA THR B 156 0.24 4.13 21.22
C THR B 156 0.12 5.55 21.74
N GLY B 157 -0.67 6.35 21.03
CA GLY B 157 -0.96 7.71 21.52
C GLY B 157 -2.15 8.26 20.81
N GLY B 158 -2.82 9.23 21.41
CA GLY B 158 -3.99 9.78 20.83
C GLY B 158 -4.31 11.14 21.40
N ASN B 159 -4.89 11.97 20.54
CA ASN B 159 -5.41 13.30 20.91
CA ASN B 159 -5.39 13.27 20.95
C ASN B 159 -6.77 13.39 20.26
N GLY B 160 -7.84 13.55 21.04
CA GLY B 160 -9.20 13.51 20.48
C GLY B 160 -9.46 12.21 19.72
N ASN B 161 -9.80 12.43 18.44
N ASN B 161 -9.98 12.24 18.49
CA ASN B 161 -10.22 11.44 17.48
CA ASN B 161 -10.11 10.95 17.74
C ASN B 161 -9.00 10.87 16.73
C ASN B 161 -9.02 10.95 16.65
N VAL B 162 -7.83 11.47 16.97
CA VAL B 162 -6.60 11.12 16.21
C VAL B 162 -5.83 10.11 17.05
N GLN B 163 -5.59 8.92 16.49
CA GLN B 163 -4.95 7.84 17.24
C GLN B 163 -3.81 7.26 16.44
N GLY B 164 -2.76 6.86 17.14
CA GLY B 164 -1.62 6.29 16.54
C GLY B 164 -1.18 5.01 17.22
N VAL B 165 -0.61 4.09 16.46
CA VAL B 165 -0.11 2.83 16.95
CA VAL B 165 -0.05 2.88 17.03
C VAL B 165 1.22 2.54 16.26
N ALA B 166 2.21 2.06 16.99
CA ALA B 166 3.47 1.65 16.44
C ALA B 166 3.92 0.37 17.10
N GLN B 167 4.54 -0.53 16.35
CA GLN B 167 4.98 -1.76 16.89
C GLN B 167 6.23 -2.21 16.17
N CYS B 168 7.19 -2.70 16.93
CA CYS B 168 8.36 -3.38 16.42
CA CYS B 168 8.31 -3.36 16.31
C CYS B 168 8.23 -4.88 16.59
N SER B 169 8.72 -5.64 15.60
CA SER B 169 8.90 -7.05 15.74
C SER B 169 9.64 -7.32 17.06
N GLY B 170 9.15 -8.28 17.82
CA GLY B 170 9.58 -8.49 19.21
C GLY B 170 10.99 -9.02 19.33
N ASP B 171 11.56 -9.47 18.22
CA ASP B 171 12.94 -10.01 18.25
C ASP B 171 13.97 -8.88 18.20
N LEU B 172 13.58 -7.66 17.86
CA LEU B 172 14.54 -6.57 17.82
C LEU B 172 14.88 -6.15 19.24
N SER B 173 16.12 -5.68 19.40
CA SER B 173 16.56 -5.09 20.64
C SER B 173 15.89 -3.73 20.82
N THR B 174 16.05 -3.18 22.02
CA THR B 174 15.49 -1.89 22.35
C THR B 174 15.96 -0.85 21.33
N SER B 175 17.28 -0.79 21.05
CA SER B 175 17.80 0.22 20.14
C SER B 175 17.42 -0.08 18.68
N GLN B 176 17.40 -1.36 18.29
CA GLN B 176 16.98 -1.71 16.91
C GLN B 176 15.52 -1.27 16.69
N CYS B 177 14.72 -1.51 17.73
CA CYS B 177 13.31 -1.10 17.67
C CYS B 177 13.18 0.41 17.52
N GLN B 178 13.90 1.15 18.35
CA GLN B 178 13.82 2.58 18.26
C GLN B 178 14.23 3.08 16.88
N ASP B 179 15.28 2.48 16.32
CA ASP B 179 15.75 2.92 15.03
C ASP B 179 14.76 2.59 13.90
N CYS B 180 14.15 1.38 13.95
CA CYS B 180 13.18 1.03 12.94
C CYS B 180 11.97 1.98 13.05
N LEU B 181 11.45 2.13 14.28
CA LEU B 181 10.30 2.98 14.47
C LEU B 181 10.59 4.43 14.04
N SER B 182 11.78 4.92 14.34
CA SER B 182 12.12 6.30 13.95
C SER B 182 11.95 6.50 12.44
N ASP B 183 12.40 5.50 11.69
CA ASP B 183 12.25 5.47 10.24
C ASP B 183 10.77 5.51 9.85
N ALA B 184 10.01 4.55 10.41
CA ALA B 184 8.61 4.44 10.07
C ALA B 184 7.84 5.73 10.38
N ILE B 185 8.11 6.30 11.55
CA ILE B 185 7.41 7.49 11.99
C ILE B 185 7.77 8.69 11.11
N GLY B 186 9.05 8.81 10.75
CA GLY B 186 9.46 9.86 9.83
C GLY B 186 8.75 9.81 8.50
N ARG B 187 8.66 8.59 7.92
CA ARG B 187 7.94 8.40 6.72
C ARG B 187 6.46 8.74 6.88
N LEU B 188 5.84 8.26 7.97
CA LEU B 188 4.43 8.45 8.16
C LEU B 188 4.14 9.95 8.24
N LYS B 189 4.98 10.70 8.98
CA LYS B 189 4.81 12.14 9.12
C LYS B 189 5.08 12.84 7.79
N SER B 190 6.17 12.47 7.11
CA SER B 190 6.57 13.17 5.89
C SER B 190 5.57 12.91 4.76
N ASP B 191 5.10 11.67 4.62
CA ASP B 191 4.25 11.27 3.49
C ASP B 191 2.75 11.44 3.79
N CYS B 192 2.32 11.16 5.02
CA CYS B 192 0.91 11.15 5.35
C CYS B 192 0.55 12.20 6.42
N GLY B 193 1.47 13.08 6.79
CA GLY B 193 1.21 13.94 7.97
C GLY B 193 0.14 14.99 7.72
N MET B 194 -0.21 15.22 6.45
CA MET B 194 -1.31 16.14 6.10
C MET B 194 -2.53 15.34 5.65
N ALA B 195 -2.56 14.03 5.94
CA ALA B 195 -3.59 13.14 5.45
C ALA B 195 -4.49 12.63 6.60
N GLN B 196 -5.65 12.10 6.24
CA GLN B 196 -6.62 11.51 7.13
C GLN B 196 -6.24 10.05 7.40
N GLY B 197 -5.14 9.92 8.10
CA GLY B 197 -4.62 8.65 8.50
C GLY B 197 -3.60 8.13 7.51
N GLY B 198 -2.96 7.03 7.89
CA GLY B 198 -2.00 6.40 7.02
C GLY B 198 -1.23 5.36 7.78
N TYR B 199 -0.44 4.58 7.05
CA TYR B 199 0.31 3.55 7.67
C TYR B 199 1.59 3.27 6.91
N VAL B 200 2.63 2.91 7.62
CA VAL B 200 3.90 2.53 7.10
C VAL B 200 4.30 1.22 7.73
N TYR B 201 4.38 0.16 6.93
CA TYR B 201 4.89 -1.12 7.31
C TYR B 201 6.27 -1.32 6.75
N LEU B 202 7.28 -1.38 7.60
CA LEU B 202 8.62 -1.77 7.23
C LEU B 202 8.78 -3.26 7.54
N SER B 203 9.91 -3.84 7.12
CA SER B 203 10.04 -5.27 7.32
C SER B 203 9.88 -5.67 8.79
N LYS B 204 10.50 -4.93 9.73
CA LYS B 204 10.56 -5.30 11.12
C LYS B 204 9.78 -4.33 12.03
N CYS B 205 8.96 -3.42 11.50
CA CYS B 205 8.17 -2.58 12.39
C CYS B 205 7.13 -1.86 11.58
N TYR B 206 6.20 -1.19 12.25
CA TYR B 206 5.21 -0.40 11.58
C TYR B 206 4.78 0.80 12.43
N ALA B 207 4.27 1.83 11.78
CA ALA B 207 3.62 2.92 12.46
C ALA B 207 2.38 3.32 11.71
N ARG B 208 1.28 3.64 12.39
CA ARG B 208 0.10 3.97 11.71
C ARG B 208 -0.72 4.96 12.53
N PHE B 209 -1.57 5.71 11.86
CA PHE B 209 -2.48 6.58 12.56
C PHE B 209 -3.80 6.66 11.83
N SER B 210 -4.82 7.06 12.59
CA SER B 210 -6.18 7.21 12.07
C SER B 210 -6.74 8.53 12.59
N VAL B 211 -7.60 9.16 11.77
CA VAL B 211 -8.30 10.41 12.16
C VAL B 211 -9.80 10.13 12.04
N GLY B 212 -10.54 10.36 13.12
CA GLY B 212 -11.99 10.08 13.15
C GLY B 212 -12.32 8.60 12.97
C1 NAG C . -17.82 20.64 -2.96
C2 NAG C . -18.11 22.14 -2.89
C3 NAG C . -17.62 22.72 -1.58
C4 NAG C . -18.25 21.93 -0.43
C5 NAG C . -18.06 20.43 -0.60
C6 NAG C . -18.91 19.65 0.39
C7 NAG C . -18.12 23.28 -5.04
C8 NAG C . -17.33 24.03 -6.05
N2 NAG C . -17.47 22.88 -3.96
O3 NAG C . -18.02 24.09 -1.53
O4 NAG C . -17.66 22.38 0.80
O5 NAG C . -18.47 19.98 -1.89
O6 NAG C . -20.31 19.96 0.18
O7 NAG C . -19.32 23.04 -5.21
C1 NAG C . -18.69 22.84 1.71
C2 NAG C . -18.16 22.81 3.13
C3 NAG C . -19.21 23.35 4.11
C4 NAG C . -19.94 24.60 3.62
C5 NAG C . -20.33 24.49 2.14
C6 NAG C . -20.95 25.80 1.64
C7 NAG C . -16.54 21.01 3.46
C8 NAG C . -16.35 19.58 3.85
N2 NAG C . -17.81 21.46 3.50
O3 NAG C . -18.54 23.66 5.33
O4 NAG C . -21.13 24.80 4.39
O5 NAG C . -19.16 24.14 1.39
O6 NAG C . -20.46 26.17 0.35
O7 NAG C . -15.61 21.72 3.11
C1 NAG D . 16.43 -21.77 3.03
C2 NAG D . 17.95 -21.92 2.94
C3 NAG D . 18.49 -21.26 1.70
C4 NAG D . 17.70 -21.75 0.49
C5 NAG D . 16.20 -21.55 0.72
C6 NAG D . 15.37 -22.05 -0.45
C7 NAG D . 18.85 -22.03 5.20
C8 NAG D . 19.70 -21.37 6.25
N2 NAG D . 18.66 -21.35 4.07
O3 NAG D . 19.90 -21.57 1.62
O4 NAG D . 18.12 -21.06 -0.70
O5 NAG D . 15.82 -22.30 1.87
O6 NAG D . 15.55 -23.47 -0.56
O7 NAG D . 18.35 -23.13 5.40
C1 NAG D . 18.38 -22.04 -1.75
C2 NAG D . 18.56 -21.29 -3.07
C3 NAG D . 19.28 -22.09 -4.16
C4 NAG D . 20.28 -23.10 -3.64
C5 NAG D . 19.67 -23.88 -2.48
C6 NAG D . 20.51 -25.05 -1.98
C7 NAG D . 16.76 -19.69 -3.55
C8 NAG D . 15.35 -19.53 -4.03
N2 NAG D . 17.22 -20.93 -3.55
O3 NAG D . 19.94 -21.15 -5.01
O4 NAG D . 20.67 -24.01 -4.68
O5 NAG D . 19.46 -22.92 -1.44
O6 NAG D . 21.92 -24.79 -2.04
O7 NAG D . 17.43 -18.74 -3.17
C1 NAG E . 13.60 -15.73 22.40
C2 NAG E . 14.13 -14.41 22.97
C3 NAG E . 15.02 -14.71 24.18
C4 NAG E . 14.34 -15.71 25.12
C5 NAG E . 13.80 -16.93 24.40
C6 NAG E . 13.09 -17.93 25.33
C7 NAG E . 14.37 -12.81 21.09
C8 NAG E . 15.34 -12.09 20.17
N2 NAG E . 14.90 -13.64 21.98
O3 NAG E . 15.26 -13.46 24.84
O4 NAG E . 15.31 -16.17 26.07
O5 NAG E . 12.89 -16.45 23.42
O6 NAG E . 12.08 -17.27 26.11
O7 NAG E . 13.17 -12.63 21.06
C1 NAG E . 15.00 -15.66 27.38
C2 NAG E . 15.92 -16.33 28.37
C3 NAG E . 15.82 -15.70 29.77
C4 NAG E . 15.77 -14.17 29.71
C5 NAG E . 14.74 -13.70 28.68
C6 NAG E . 14.62 -12.17 28.61
C7 NAG E . 16.25 -18.68 27.69
C8 NAG E . 15.72 -20.08 27.75
N2 NAG E . 15.61 -17.76 28.42
O3 NAG E . 16.95 -16.11 30.55
O4 NAG E . 15.44 -13.63 31.01
O5 NAG E . 15.10 -14.24 27.41
O6 NAG E . 15.89 -11.59 28.28
O7 NAG E . 17.22 -18.41 26.99
C1 NAG F . -10.56 19.00 -21.53
C2 NAG F . -9.17 19.34 -22.07
C3 NAG F . -9.23 20.48 -23.10
C4 NAG F . -10.44 20.38 -24.04
C5 NAG F . -11.73 20.07 -23.28
C6 NAG F . -12.97 19.94 -24.18
C7 NAG F . -7.51 18.83 -20.28
C8 NAG F . -6.59 19.49 -19.29
N2 NAG F . -8.27 19.71 -21.00
O3 NAG F . -8.02 20.45 -23.85
O4 NAG F . -10.58 21.61 -24.77
O5 NAG F . -11.54 18.85 -22.56
O6 NAG F . -13.06 18.61 -24.70
O7 NAG F . -7.56 17.59 -20.40
C1 EDO G . -0.47 -6.72 -3.82
O1 EDO G . 0.25 -6.05 -4.85
C2 EDO G . 0.42 -7.77 -3.17
O2 EDO G . 0.51 -8.93 -4.00
C1 EDO H . 3.78 -6.32 -6.22
O1 EDO H . 5.12 -5.97 -6.55
C2 EDO H . 3.83 -7.34 -5.11
O2 EDO H . 4.04 -6.65 -3.87
C1 EDO I . 2.91 22.79 -11.18
O1 EDO I . 1.62 23.31 -11.26
C2 EDO I . 3.56 23.28 -9.92
O2 EDO I . 4.04 22.13 -9.22
C1 EDO J . 7.00 -8.28 -0.06
O1 EDO J . 5.75 -7.64 -0.31
C2 EDO J . 7.85 -7.58 0.97
O2 EDO J . 8.93 -8.38 1.46
NA NA K . 2.36 -1.21 -21.97
S SO4 L . -4.97 8.80 -26.74
O1 SO4 L . -3.79 7.90 -26.55
O2 SO4 L . -5.18 9.68 -25.57
O3 SO4 L . -4.74 9.63 -27.95
O4 SO4 L . -6.17 7.96 -26.98
C1 EDO M . -3.52 5.87 22.44
O1 EDO M . -3.02 5.23 23.63
C2 EDO M . -4.96 5.48 22.08
O2 EDO M . -5.47 6.11 20.88
C1 EDO N . 6.48 16.05 18.09
O1 EDO N . 5.49 16.81 18.79
C2 EDO N . 5.84 15.52 16.81
O2 EDO N . 6.84 15.13 15.86
C1 EDO O . 4.22 -5.27 24.40
O1 EDO O . 5.33 -4.40 24.27
C2 EDO O . 4.05 -5.69 25.86
O2 EDO O . 2.71 -6.11 26.14
C1 GOL P . 8.94 -10.71 5.68
O1 GOL P . 9.12 -11.11 4.32
C2 GOL P . 8.55 -9.24 5.64
O2 GOL P . 9.74 -8.49 5.40
C3 GOL P . 7.89 -8.89 6.98
O3 GOL P . 7.49 -7.54 7.09
NA NA Q . -3.73 -0.22 21.62
C1 AE3 R . -5.82 11.65 -5.18
C2 AE3 R . -5.73 12.92 -4.38
O2 AE3 R . -6.57 12.65 -3.28
C3 AE3 R . -6.35 11.27 -3.07
C4 AE3 R . -6.17 11.16 -1.58
O3 AE3 R . -5.33 10.10 -1.20
C5 AE3 R . -6.13 9.10 -0.69
C6 AE3 R . -5.34 8.02 -0.06
O4 AE3 R . -6.20 6.91 0.11
S SO4 S . 3.73 -9.93 26.92
O1 SO4 S . 4.52 -9.70 28.16
O2 SO4 S . 4.68 -10.05 25.77
O3 SO4 S . 2.82 -8.75 26.75
O4 SO4 S . 2.90 -11.13 27.08
#